data_3G3Y
#
_entry.id   3G3Y
#
_cell.length_a   80.487
_cell.length_b   80.487
_cell.length_c   79.749
_cell.angle_alpha   90.00
_cell.angle_beta   90.00
_cell.angle_gamma   120.00
#
_symmetry.space_group_name_H-M   'P 32'
#
loop_
_entity.id
_entity.type
_entity.pdbx_description
1 polymer Exodeoxyribonuclease
2 polymer "5'-D(*CP*GP*TP*AP*(UPS)P*TP*AP*CP*G)-3'"
3 non-polymer 'MAGNESIUM ION'
4 non-polymer GLYCEROL
5 water water
#
loop_
_entity_poly.entity_id
_entity_poly.type
_entity_poly.pdbx_seq_one_letter_code
_entity_poly.pdbx_strand_id
1 'polypeptide(L)'
;MAVLKIISWNVNGLRAVHRKGFLKWFMEEKPDILCLQEIKAAPEQLPRKLRHVEGYRSFFTPAERKGYSGVAMYTKVPPS
SLREGFGVERFDTEGRIQIADFDDFLLYNIYFPNGKMSEERLKYKLEFYDAFLEDVNRERDSGRNVIICGDFNTAHREID
LARPKENSNVSGFLPVERAWIDKFIENGYVDTFRMFNSDPGQYTWWSYRTRARERNVGWRLDYFFVNEEFKGKVKRSWIL
SDVMGSDHCPIGLEIELLEHHHHHH
;
A,B
2 'polydeoxyribonucleotide' (DC)(DG)(DT)(DA)(UPS)(DT)(DA)(DC)(DG) I
#
loop_
_chem_comp.id
_chem_comp.type
_chem_comp.name
_chem_comp.formula
DA DNA linking 2'-DEOXYADENOSINE-5'-MONOPHOSPHATE 'C10 H14 N5 O6 P'
DC DNA linking 2'-DEOXYCYTIDINE-5'-MONOPHOSPHATE 'C9 H14 N3 O7 P'
DG DNA linking 2'-DEOXYGUANOSINE-5'-MONOPHOSPHATE 'C10 H14 N5 O7 P'
DT DNA linking THYMIDINE-5'-MONOPHOSPHATE 'C10 H15 N2 O8 P'
GOL non-polymer GLYCEROL 'C3 H8 O3'
MG non-polymer 'MAGNESIUM ION' 'Mg 2'
UPS DNA linking 2'-deoxy-5'-O-thiophosphonouridine 'C9 H13 N2 O7 P S'
#
# COMPACT_ATOMS: atom_id res chain seq x y z
N ALA A 2 16.59 -23.79 10.92
CA ALA A 2 15.65 -24.19 9.85
C ALA A 2 14.58 -23.11 9.65
N VAL A 3 14.21 -22.87 8.39
CA VAL A 3 13.08 -21.98 8.09
C VAL A 3 11.78 -22.79 7.98
N LEU A 4 10.73 -22.27 8.60
CA LEU A 4 9.42 -22.89 8.50
C LEU A 4 8.42 -21.90 7.93
N LYS A 5 7.80 -22.28 6.80
CA LYS A 5 6.83 -21.45 6.08
C LYS A 5 5.37 -21.85 6.37
N ILE A 6 4.60 -20.89 6.87
CA ILE A 6 3.18 -21.10 7.13
C ILE A 6 2.38 -20.15 6.24
N ILE A 7 1.33 -20.69 5.58
CA ILE A 7 0.42 -19.87 4.78
C ILE A 7 -1.00 -19.92 5.36
N SER A 8 -1.65 -18.76 5.48
CA SER A 8 -3.08 -18.73 5.84
C SER A 8 -3.93 -18.19 4.68
N TRP A 9 -5.08 -18.83 4.45
CA TRP A 9 -5.94 -18.47 3.32
C TRP A 9 -7.41 -18.80 3.53
N ASN A 10 -8.25 -17.77 3.50
CA ASN A 10 -9.69 -17.98 3.44
C ASN A 10 -10.02 -18.24 1.99
N VAL A 11 -10.38 -19.48 1.70
CA VAL A 11 -10.58 -19.95 0.33
C VAL A 11 -12.01 -19.74 -0.19
N ASN A 12 -12.87 -19.22 0.67
CA ASN A 12 -14.26 -18.98 0.33
C ASN A 12 -14.93 -20.17 -0.35
N GLY A 13 -14.81 -21.33 0.27
CA GLY A 13 -15.29 -22.59 -0.30
C GLY A 13 -14.17 -23.33 -0.97
N LEU A 14 -13.84 -24.51 -0.47
CA LEU A 14 -12.66 -25.25 -0.93
C LEU A 14 -12.87 -25.91 -2.31
N ARG A 15 -14.11 -26.30 -2.62
CA ARG A 15 -14.41 -26.84 -3.96
C ARG A 15 -14.29 -25.76 -5.02
N ALA A 16 -14.76 -24.56 -4.69
CA ALA A 16 -14.67 -23.43 -5.59
C ALA A 16 -13.25 -23.18 -6.05
N VAL A 17 -12.30 -23.13 -5.11
CA VAL A 17 -10.89 -22.89 -5.46
C VAL A 17 -10.19 -24.11 -6.05
N HIS A 18 -10.67 -25.31 -5.69
CA HIS A 18 -10.14 -26.56 -6.25
C HIS A 18 -10.35 -26.64 -7.75
N ARG A 19 -11.58 -26.37 -8.19
CA ARG A 19 -11.90 -26.24 -9.61
C ARG A 19 -11.04 -25.17 -10.30
N LYS A 20 -10.62 -24.16 -9.54
CA LYS A 20 -9.82 -23.06 -10.06
C LYS A 20 -8.32 -23.36 -10.07
N GLY A 21 -7.94 -24.58 -9.70
CA GLY A 21 -6.52 -24.98 -9.68
C GLY A 21 -5.77 -24.67 -8.40
N PHE A 22 -6.45 -24.80 -7.26
CA PHE A 22 -5.84 -24.62 -5.94
C PHE A 22 -4.67 -25.58 -5.70
N LEU A 23 -4.84 -26.84 -6.08
CA LEU A 23 -3.80 -27.86 -5.89
C LEU A 23 -2.51 -27.51 -6.61
N LYS A 24 -2.63 -26.85 -7.76
CA LYS A 24 -1.46 -26.43 -8.50
C LYS A 24 -0.72 -25.28 -7.79
N TRP A 25 -1.48 -24.33 -7.26
CA TRP A 25 -0.88 -23.27 -6.47
C TRP A 25 -0.18 -23.84 -5.24
N PHE A 26 -0.81 -24.83 -4.62
CA PHE A 26 -0.30 -25.50 -3.41
C PHE A 26 1.08 -26.12 -3.66
N MET A 27 1.21 -26.85 -4.76
CA MET A 27 2.47 -27.51 -5.10
C MET A 27 3.57 -26.53 -5.51
N GLU A 28 3.16 -25.37 -5.99
CA GLU A 28 4.06 -24.30 -6.37
C GLU A 28 4.59 -23.59 -5.13
N GLU A 29 3.71 -23.34 -4.18
CA GLU A 29 4.05 -22.53 -3.01
C GLU A 29 4.85 -23.30 -1.98
N LYS A 30 4.55 -24.59 -1.83
CA LYS A 30 5.22 -25.49 -0.89
C LYS A 30 5.39 -24.95 0.53
N PRO A 31 4.26 -24.64 1.21
CA PRO A 31 4.36 -24.28 2.62
C PRO A 31 4.63 -25.51 3.48
N ASP A 32 5.22 -25.32 4.65
CA ASP A 32 5.41 -26.43 5.56
C ASP A 32 4.08 -26.76 6.21
N ILE A 33 3.32 -25.71 6.56
CA ILE A 33 1.97 -25.82 7.09
C ILE A 33 1.07 -24.86 6.32
N LEU A 34 -0.11 -25.33 5.94
CA LEU A 34 -1.12 -24.51 5.26
C LEU A 34 -2.38 -24.44 6.11
N CYS A 35 -2.79 -23.23 6.45
CA CYS A 35 -4.04 -23.03 7.20
C CYS A 35 -5.13 -22.46 6.30
N LEU A 36 -6.28 -23.12 6.28
CA LEU A 36 -7.39 -22.73 5.40
C LEU A 36 -8.64 -22.45 6.20
N GLN A 37 -9.33 -21.38 5.83
CA GLN A 37 -10.61 -21.03 6.45
C GLN A 37 -11.74 -21.07 5.41
N GLU A 38 -12.93 -21.43 5.85
CA GLU A 38 -14.15 -21.52 5.01
C GLU A 38 -14.11 -22.63 3.97
N ILE A 39 -14.07 -23.85 4.48
CA ILE A 39 -14.00 -25.05 3.67
C ILE A 39 -15.36 -25.31 3.00
N LYS A 40 -16.43 -25.20 3.80
CA LYS A 40 -17.82 -25.38 3.36
C LYS A 40 -18.19 -26.83 3.10
N ALA A 41 -17.39 -27.53 2.31
CA ALA A 41 -17.70 -28.89 1.93
C ALA A 41 -17.66 -29.87 3.09
N ALA A 42 -18.31 -31.01 2.93
CA ALA A 42 -18.25 -32.12 3.86
C ALA A 42 -16.96 -32.93 3.61
N PRO A 43 -16.03 -32.91 4.59
CA PRO A 43 -14.72 -33.54 4.47
C PRO A 43 -14.74 -34.93 3.86
N GLU A 44 -15.60 -35.80 4.39
CA GLU A 44 -15.61 -37.21 3.98
C GLU A 44 -15.86 -37.37 2.49
N GLN A 45 -16.53 -36.39 1.89
CA GLN A 45 -16.87 -36.45 0.48
C GLN A 45 -16.17 -35.42 -0.40
N LEU A 46 -14.99 -34.99 0.05
CA LEU A 46 -14.11 -34.18 -0.77
C LEU A 46 -13.28 -35.11 -1.65
N PRO A 47 -12.80 -34.61 -2.80
CA PRO A 47 -11.90 -35.39 -3.62
C PRO A 47 -10.75 -36.01 -2.83
N ARG A 48 -10.42 -37.26 -3.14
CA ARG A 48 -9.30 -37.96 -2.53
C ARG A 48 -7.99 -37.19 -2.74
N LYS A 49 -7.83 -36.60 -3.91
CA LYS A 49 -6.65 -35.81 -4.26
C LYS A 49 -6.54 -34.58 -3.37
N LEU A 50 -7.68 -34.11 -2.91
CA LEU A 50 -7.77 -32.92 -2.09
C LEU A 50 -7.59 -33.24 -0.61
N ARG A 51 -7.96 -34.45 -0.20
CA ARG A 51 -7.83 -34.88 1.21
C ARG A 51 -6.42 -35.36 1.50
N HIS A 52 -5.87 -36.12 0.57
CA HIS A 52 -4.58 -36.75 0.76
C HIS A 52 -3.57 -36.27 -0.28
N VAL A 53 -3.04 -35.08 -0.05
CA VAL A 53 -1.99 -34.50 -0.88
C VAL A 53 -0.65 -35.00 -0.36
N GLU A 54 0.19 -35.54 -1.25
CA GLU A 54 1.41 -36.22 -0.82
C GLU A 54 2.38 -35.28 -0.12
N GLY A 55 2.98 -35.78 0.96
CA GLY A 55 3.89 -35.00 1.79
C GLY A 55 3.22 -34.30 2.95
N TYR A 56 1.89 -34.35 3.01
CA TYR A 56 1.14 -33.65 4.03
C TYR A 56 0.16 -34.53 4.76
N ARG A 57 -0.01 -34.28 6.04
CA ARG A 57 -1.09 -34.83 6.78
C ARG A 57 -2.17 -33.74 6.80
N SER A 58 -3.43 -34.11 6.57
CA SER A 58 -4.52 -33.12 6.55
C SER A 58 -5.50 -33.26 7.72
N PHE A 59 -6.07 -32.14 8.15
CA PHE A 59 -7.06 -32.12 9.24
C PHE A 59 -8.20 -31.17 8.89
N PHE A 60 -9.42 -31.68 8.93
CA PHE A 60 -10.60 -30.87 8.63
C PHE A 60 -11.49 -30.75 9.85
N THR A 61 -11.87 -29.52 10.16
CA THR A 61 -12.78 -29.22 11.25
C THR A 61 -14.02 -28.52 10.68
N PRO A 62 -15.02 -29.32 10.28
CA PRO A 62 -16.23 -28.81 9.63
C PRO A 62 -17.26 -28.26 10.62
N ALA A 63 -18.11 -27.36 10.16
CA ALA A 63 -19.24 -26.89 10.97
C ALA A 63 -20.32 -27.98 11.07
N GLU A 64 -21.22 -27.81 12.04
CA GLU A 64 -22.38 -28.68 12.13
C GLU A 64 -23.33 -28.40 10.96
N ARG A 65 -23.47 -27.12 10.60
CA ARG A 65 -24.27 -26.70 9.46
C ARG A 65 -23.56 -27.01 8.14
N LYS A 66 -24.30 -27.65 7.25
CA LYS A 66 -23.77 -28.02 5.93
C LYS A 66 -23.45 -26.79 5.09
N GLY A 67 -22.37 -26.88 4.32
CA GLY A 67 -22.00 -25.84 3.36
C GLY A 67 -21.59 -24.54 4.00
N TYR A 68 -21.33 -24.58 5.30
CA TYR A 68 -21.05 -23.39 6.08
C TYR A 68 -19.71 -23.50 6.82
N SER A 69 -18.94 -22.42 6.78
CA SER A 69 -17.71 -22.30 7.56
C SER A 69 -16.77 -23.51 7.40
N GLY A 70 -16.18 -23.95 8.50
CA GLY A 70 -15.22 -25.05 8.45
C GLY A 70 -13.82 -24.53 8.24
N VAL A 71 -12.84 -25.20 8.83
CA VAL A 71 -11.43 -24.88 8.61
C VAL A 71 -10.64 -26.15 8.36
N ALA A 72 -9.40 -25.99 7.89
CA ALA A 72 -8.53 -27.11 7.58
C ALA A 72 -7.06 -26.76 7.73
N MET A 73 -6.25 -27.77 7.96
CA MET A 73 -4.82 -27.63 8.08
C MET A 73 -4.13 -28.81 7.39
N TYR A 74 -3.22 -28.47 6.48
CA TYR A 74 -2.28 -29.42 5.90
C TYR A 74 -0.92 -29.16 6.52
N THR A 75 -0.21 -30.21 6.89
CA THR A 75 1.09 -30.03 7.51
C THR A 75 2.12 -31.12 7.17
N LYS A 76 3.36 -30.72 6.91
CA LYS A 76 4.47 -31.66 6.75
C LYS A 76 4.96 -32.11 8.10
N VAL A 77 4.59 -31.36 9.13
CA VAL A 77 5.08 -31.57 10.47
C VAL A 77 4.05 -32.36 11.24
N PRO A 78 4.46 -33.53 11.78
CA PRO A 78 3.57 -34.27 12.64
C PRO A 78 3.27 -33.47 13.90
N PRO A 79 1.99 -33.20 14.15
CA PRO A 79 1.58 -32.45 15.33
C PRO A 79 1.44 -33.35 16.55
N SER A 80 1.83 -32.85 17.72
CA SER A 80 1.77 -33.65 18.93
C SER A 80 0.43 -33.55 19.66
N SER A 81 -0.50 -32.78 19.08
CA SER A 81 -1.91 -32.80 19.44
C SER A 81 -2.70 -31.87 18.53
N LEU A 82 -4.00 -32.09 18.45
CA LEU A 82 -4.93 -31.24 17.74
C LEU A 82 -6.19 -31.02 18.57
N ARG A 83 -6.45 -29.76 18.89
CA ARG A 83 -7.64 -29.38 19.65
C ARG A 83 -8.51 -28.57 18.69
N GLU A 84 -9.83 -28.79 18.74
CA GLU A 84 -10.76 -28.18 17.80
C GLU A 84 -11.80 -27.29 18.48
N GLY A 85 -11.41 -26.67 19.59
CA GLY A 85 -12.32 -25.75 20.28
C GLY A 85 -11.75 -25.14 21.54
N PHE A 86 -12.43 -24.11 22.05
CA PHE A 86 -12.07 -23.49 23.31
C PHE A 86 -12.74 -24.18 24.51
N GLY A 87 -13.54 -25.22 24.25
CA GLY A 87 -14.29 -25.90 25.30
C GLY A 87 -15.45 -25.03 25.77
N VAL A 88 -16.12 -24.40 24.81
CA VAL A 88 -17.33 -23.63 25.06
C VAL A 88 -18.26 -23.97 23.90
N GLU A 89 -19.28 -24.77 24.18
CA GLU A 89 -20.20 -25.31 23.18
C GLU A 89 -20.53 -24.44 21.95
N ARG A 90 -21.13 -23.27 22.16
CA ARG A 90 -21.64 -22.43 21.06
C ARG A 90 -20.51 -21.92 20.14
N PHE A 91 -19.29 -21.90 20.67
CA PHE A 91 -18.13 -21.45 19.90
C PHE A 91 -17.44 -22.61 19.16
N ASP A 92 -17.76 -23.86 19.52
CA ASP A 92 -17.00 -25.01 19.05
C ASP A 92 -17.73 -25.85 17.99
N THR A 93 -19.01 -25.56 17.78
CA THR A 93 -19.82 -26.32 16.83
C THR A 93 -19.82 -25.69 15.43
N GLU A 94 -19.22 -24.51 15.29
CA GLU A 94 -19.26 -23.75 14.05
C GLU A 94 -18.09 -23.96 13.09
N GLY A 95 -17.15 -24.85 13.44
CA GLY A 95 -16.03 -25.19 12.55
C GLY A 95 -15.02 -24.06 12.40
N ARG A 96 -14.75 -23.34 13.48
CA ARG A 96 -13.93 -22.14 13.38
C ARG A 96 -12.51 -22.29 13.92
N ILE A 97 -12.26 -23.41 14.62
CA ILE A 97 -11.11 -23.55 15.51
C ILE A 97 -10.25 -24.81 15.28
N GLN A 98 -8.97 -24.59 15.00
CA GLN A 98 -7.95 -25.62 15.06
C GLN A 98 -6.75 -25.11 15.84
N ILE A 99 -6.34 -25.87 16.85
CA ILE A 99 -5.18 -25.54 17.65
C ILE A 99 -4.27 -26.74 17.58
N ALA A 100 -3.16 -26.59 16.84
CA ALA A 100 -2.21 -27.67 16.60
C ALA A 100 -0.88 -27.42 17.34
N ASP A 101 -0.42 -28.46 18.03
CA ASP A 101 0.84 -28.40 18.77
C ASP A 101 2.00 -28.95 17.95
N PHE A 102 2.95 -28.07 17.66
CA PHE A 102 4.14 -28.45 16.93
C PHE A 102 5.40 -28.32 17.79
N ASP A 103 5.23 -28.51 19.10
CA ASP A 103 6.31 -28.50 20.10
C ASP A 103 6.92 -27.11 20.32
N ASP A 104 7.59 -26.54 19.32
CA ASP A 104 8.12 -25.18 19.42
C ASP A 104 7.00 -24.14 19.64
N PHE A 105 5.80 -24.47 19.19
CA PHE A 105 4.69 -23.53 19.26
C PHE A 105 3.35 -24.24 19.05
N LEU A 106 2.30 -23.62 19.55
CA LEU A 106 0.97 -24.00 19.18
C LEU A 106 0.59 -23.11 18.01
N LEU A 107 -0.13 -23.67 17.05
CA LEU A 107 -0.67 -22.91 15.94
C LEU A 107 -2.18 -22.88 15.96
N TYR A 108 -2.74 -21.68 16.13
CA TYR A 108 -4.17 -21.43 16.06
C TYR A 108 -4.56 -21.08 14.64
N ASN A 109 -5.47 -21.84 14.08
CA ASN A 109 -6.05 -21.57 12.77
C ASN A 109 -7.51 -21.22 12.98
N ILE A 110 -7.85 -19.93 12.92
CA ILE A 110 -9.16 -19.48 13.37
C ILE A 110 -9.92 -18.71 12.29
N TYR A 111 -11.13 -19.16 12.05
CA TYR A 111 -12.07 -18.43 11.24
C TYR A 111 -12.99 -17.66 12.19
N PHE A 112 -12.63 -16.42 12.49
CA PHE A 112 -13.42 -15.59 13.39
C PHE A 112 -14.77 -15.21 12.77
N PRO A 113 -15.80 -15.07 13.63
CA PRO A 113 -17.16 -14.88 13.11
C PRO A 113 -17.31 -13.53 12.42
N ASN A 114 -18.22 -13.51 11.45
CA ASN A 114 -18.59 -12.29 10.75
C ASN A 114 -19.76 -11.64 11.48
N GLY A 115 -19.64 -10.33 11.73
CA GLY A 115 -20.65 -9.63 12.51
C GLY A 115 -21.67 -8.84 11.72
N LYS A 116 -21.57 -8.86 10.38
CA LYS A 116 -22.42 -8.02 9.52
C LYS A 116 -23.92 -8.35 9.59
N MET A 117 -24.27 -9.63 9.51
CA MET A 117 -25.66 -10.05 9.25
C MET A 117 -26.74 -9.71 10.28
N SER A 118 -26.35 -9.48 11.53
CA SER A 118 -27.30 -9.10 12.58
C SER A 118 -26.61 -8.59 13.83
N GLU A 119 -27.41 -8.19 14.81
CA GLU A 119 -26.90 -7.77 16.11
C GLU A 119 -26.54 -9.00 16.95
N GLU A 120 -27.30 -10.07 16.79
CA GLU A 120 -27.02 -11.34 17.46
C GLU A 120 -25.61 -11.84 17.14
N ARG A 121 -25.22 -11.72 15.87
CA ARG A 121 -23.94 -12.26 15.41
C ARG A 121 -22.76 -11.33 15.69
N LEU A 122 -23.05 -10.06 15.93
CA LEU A 122 -22.03 -9.14 16.39
C LEU A 122 -21.65 -9.46 17.84
N LYS A 123 -22.67 -9.72 18.67
CA LYS A 123 -22.47 -10.13 20.07
C LYS A 123 -21.67 -11.45 20.09
N TYR A 124 -22.12 -12.41 19.29
CA TYR A 124 -21.48 -13.72 19.19
C TYR A 124 -20.01 -13.61 18.77
N LYS A 125 -19.72 -12.71 17.82
CA LYS A 125 -18.36 -12.45 17.37
C LYS A 125 -17.50 -11.88 18.49
N LEU A 126 -18.02 -10.86 19.17
CA LEU A 126 -17.28 -10.18 20.21
C LEU A 126 -16.99 -11.11 21.40
N GLU A 127 -17.94 -11.98 21.72
CA GLU A 127 -17.77 -12.95 22.80
C GLU A 127 -16.83 -14.10 22.42
N PHE A 128 -16.81 -14.43 21.13
CA PHE A 128 -15.84 -15.35 20.56
C PHE A 128 -14.43 -14.75 20.68
N TYR A 129 -14.33 -13.45 20.44
CA TYR A 129 -13.09 -12.71 20.64
C TYR A 129 -12.56 -12.92 22.04
N ASP A 130 -13.45 -12.77 23.02
CA ASP A 130 -13.10 -12.92 24.44
C ASP A 130 -12.70 -14.33 24.82
N ALA A 131 -13.46 -15.32 24.37
CA ALA A 131 -13.11 -16.71 24.62
C ALA A 131 -11.75 -17.09 24.02
N PHE A 132 -11.43 -16.50 22.87
CA PHE A 132 -10.17 -16.78 22.22
C PHE A 132 -9.00 -16.16 23.01
N LEU A 133 -9.24 -14.96 23.55
CA LEU A 133 -8.23 -14.26 24.35
C LEU A 133 -7.91 -15.06 25.62
N GLU A 134 -8.96 -15.52 26.30
CA GLU A 134 -8.83 -16.42 27.42
C GLU A 134 -7.95 -17.61 27.06
N ASP A 135 -8.32 -18.31 26.00
CA ASP A 135 -7.66 -19.53 25.62
C ASP A 135 -6.19 -19.33 25.32
N VAL A 136 -5.88 -18.41 24.42
CA VAL A 136 -4.49 -18.17 24.04
C VAL A 136 -3.65 -17.67 25.23
N ASN A 137 -4.23 -16.81 26.07
CA ASN A 137 -3.58 -16.34 27.31
C ASN A 137 -3.20 -17.50 28.24
N ARG A 138 -4.13 -18.43 28.42
CA ARG A 138 -3.90 -19.58 29.28
C ARG A 138 -2.77 -20.46 28.78
N GLU A 139 -2.73 -20.67 27.46
CA GLU A 139 -1.66 -21.45 26.85
C GLU A 139 -0.36 -20.70 26.93
N ARG A 140 -0.41 -19.40 26.66
CA ARG A 140 0.79 -18.55 26.71
C ARG A 140 1.39 -18.47 28.11
N ASP A 141 0.55 -18.27 29.12
CA ASP A 141 1.01 -18.16 30.52
C ASP A 141 1.59 -19.46 31.01
N SER A 142 1.10 -20.58 30.45
CA SER A 142 1.64 -21.89 30.76
C SER A 142 3.02 -22.08 30.10
N GLY A 143 3.49 -21.07 29.38
CA GLY A 143 4.84 -21.09 28.81
C GLY A 143 4.96 -21.45 27.33
N ARG A 144 3.83 -21.67 26.66
CA ARG A 144 3.85 -22.02 25.25
C ARG A 144 4.01 -20.79 24.33
N ASN A 145 4.85 -20.92 23.32
CA ASN A 145 4.85 -19.99 22.21
C ASN A 145 3.63 -20.25 21.34
N VAL A 146 3.04 -19.19 20.81
CA VAL A 146 1.82 -19.30 20.03
C VAL A 146 1.90 -18.50 18.74
N ILE A 147 1.41 -19.10 17.67
CA ILE A 147 1.20 -18.40 16.41
C ILE A 147 -0.29 -18.50 16.14
N ILE A 148 -0.90 -17.34 15.94
CA ILE A 148 -2.32 -17.26 15.59
C ILE A 148 -2.49 -16.68 14.19
N CYS A 149 -3.21 -17.40 13.34
CA CYS A 149 -3.46 -16.92 12.00
C CYS A 149 -4.91 -17.10 11.62
N GLY A 150 -5.33 -16.32 10.63
CA GLY A 150 -6.62 -16.52 10.03
C GLY A 150 -7.35 -15.22 9.74
N ASP A 151 -8.66 -15.37 9.54
CA ASP A 151 -9.55 -14.27 9.20
C ASP A 151 -10.19 -13.73 10.47
N PHE A 152 -9.73 -12.56 10.89
CA PHE A 152 -10.26 -11.91 12.08
C PHE A 152 -11.60 -11.18 11.84
N ASN A 153 -11.97 -11.00 10.57
CA ASN A 153 -13.17 -10.24 10.15
C ASN A 153 -13.20 -8.78 10.62
N THR A 154 -12.03 -8.21 10.82
CA THR A 154 -11.89 -6.84 11.31
C THR A 154 -10.58 -6.26 10.79
N ALA A 155 -10.65 -5.00 10.36
CA ALA A 155 -9.46 -4.22 10.07
C ALA A 155 -9.09 -3.45 11.33
N HIS A 156 -7.82 -3.52 11.71
CA HIS A 156 -7.39 -2.96 13.00
C HIS A 156 -7.46 -1.43 13.04
N ARG A 157 -6.72 -0.80 12.13
CA ARG A 157 -6.61 0.66 12.07
C ARG A 157 -7.06 1.18 10.71
N GLU A 158 -7.08 2.51 10.54
CA GLU A 158 -7.52 3.16 9.31
C GLU A 158 -6.60 2.80 8.15
N ILE A 159 -5.35 2.51 8.49
CA ILE A 159 -4.35 2.10 7.54
C ILE A 159 -4.69 0.73 6.92
N ASP A 160 -5.63 0.01 7.53
CA ASP A 160 -5.95 -1.37 7.15
C ASP A 160 -7.21 -1.55 6.27
N LEU A 161 -7.74 -0.43 5.78
CA LEU A 161 -8.80 -0.48 4.76
C LEU A 161 -8.80 0.83 3.98
N ALA A 162 -9.15 0.74 2.69
CA ALA A 162 -9.22 1.90 1.81
C ALA A 162 -10.30 2.90 2.24
N ARG A 163 -11.43 2.38 2.73
CA ARG A 163 -12.60 3.21 3.05
C ARG A 163 -12.95 3.26 4.56
N PRO A 164 -12.12 3.98 5.36
CA PRO A 164 -12.32 3.95 6.81
C PRO A 164 -13.55 4.70 7.30
N LYS A 165 -13.75 5.93 6.82
CA LYS A 165 -14.91 6.76 7.23
C LYS A 165 -16.25 6.14 6.86
N GLU A 166 -16.32 5.58 5.65
CA GLU A 166 -17.56 4.98 5.12
C GLU A 166 -18.02 3.78 5.96
N ASN A 167 -17.10 3.20 6.72
CA ASN A 167 -17.33 1.93 7.41
C ASN A 167 -17.24 1.98 8.94
N SER A 168 -16.99 3.17 9.49
CA SER A 168 -16.95 3.35 10.96
C SER A 168 -18.23 2.91 11.66
N ASN A 169 -19.27 2.67 10.87
CA ASN A 169 -20.58 2.27 11.36
C ASN A 169 -20.87 0.81 10.98
N VAL A 170 -19.97 0.21 10.21
CA VAL A 170 -20.14 -1.16 9.71
C VAL A 170 -19.26 -2.14 10.50
N SER A 171 -19.83 -3.29 10.83
CA SER A 171 -19.08 -4.38 11.45
C SER A 171 -17.85 -4.78 10.62
N GLY A 172 -16.71 -4.93 11.28
CA GLY A 172 -15.43 -5.10 10.61
C GLY A 172 -14.54 -3.90 10.79
N PHE A 173 -15.13 -2.79 11.24
CA PHE A 173 -14.37 -1.58 11.56
C PHE A 173 -15.05 -0.74 12.65
N LEU A 174 -15.96 -1.36 13.39
CA LEU A 174 -16.56 -0.72 14.57
C LEU A 174 -15.48 -0.42 15.59
N PRO A 175 -15.61 0.70 16.36
CA PRO A 175 -14.61 0.99 17.40
C PRO A 175 -14.53 -0.09 18.48
N VAL A 176 -15.64 -0.81 18.69
CA VAL A 176 -15.70 -1.91 19.66
C VAL A 176 -14.77 -3.04 19.22
N GLU A 177 -14.83 -3.39 17.94
CA GLU A 177 -14.00 -4.45 17.37
C GLU A 177 -12.54 -4.04 17.33
N ARG A 178 -12.29 -2.79 16.95
CA ARG A 178 -10.93 -2.28 16.88
C ARG A 178 -10.27 -2.22 18.25
N ALA A 179 -11.05 -1.96 19.29
CA ALA A 179 -10.53 -1.87 20.66
C ALA A 179 -10.08 -3.25 21.14
N TRP A 180 -10.83 -4.27 20.76
CA TRP A 180 -10.47 -5.64 21.12
C TRP A 180 -9.10 -6.04 20.58
N ILE A 181 -8.81 -5.67 19.33
CA ILE A 181 -7.50 -5.95 18.77
C ILE A 181 -6.42 -5.17 19.53
N ASP A 182 -6.73 -3.93 19.92
CA ASP A 182 -5.84 -3.12 20.75
C ASP A 182 -5.52 -3.84 22.06
N LYS A 183 -6.58 -4.37 22.68
CA LYS A 183 -6.49 -5.10 23.93
C LYS A 183 -5.72 -6.42 23.76
N PHE A 184 -6.04 -7.14 22.69
CA PHE A 184 -5.34 -8.35 22.31
C PHE A 184 -3.83 -8.12 22.17
N ILE A 185 -3.45 -7.10 21.40
CA ILE A 185 -2.04 -6.72 21.23
C ILE A 185 -1.46 -6.35 22.60
N GLU A 186 -2.20 -5.53 23.33
CA GLU A 186 -1.86 -5.11 24.68
C GLU A 186 -1.57 -6.27 25.65
N ASN A 187 -2.13 -7.45 25.38
CA ASN A 187 -1.88 -8.67 26.17
C ASN A 187 -0.58 -9.41 25.81
N GLY A 188 0.26 -8.80 24.99
CA GLY A 188 1.58 -9.35 24.69
C GLY A 188 1.66 -10.12 23.39
N TYR A 189 0.92 -9.66 22.39
CA TYR A 189 0.88 -10.31 21.09
C TYR A 189 1.17 -9.28 20.00
N VAL A 190 1.77 -9.73 18.90
CA VAL A 190 2.32 -8.83 17.91
C VAL A 190 1.79 -9.17 16.52
N ASP A 191 1.27 -8.16 15.84
CA ASP A 191 0.81 -8.22 14.45
C ASP A 191 2.03 -8.30 13.54
N THR A 192 2.34 -9.51 13.08
CA THR A 192 3.63 -9.78 12.42
C THR A 192 3.86 -8.94 11.18
N PHE A 193 2.84 -8.77 10.36
CA PHE A 193 2.97 -8.02 9.12
C PHE A 193 3.45 -6.59 9.40
N ARG A 194 2.91 -5.98 10.47
CA ARG A 194 3.29 -4.64 10.89
C ARG A 194 4.68 -4.55 11.53
N MET A 195 5.38 -5.67 11.65
CA MET A 195 6.78 -5.64 12.07
C MET A 195 7.69 -5.30 10.89
N PHE A 196 7.18 -5.53 9.68
CA PHE A 196 8.01 -5.39 8.48
C PHE A 196 7.50 -4.34 7.48
N ASN A 197 6.20 -4.09 7.47
CA ASN A 197 5.59 -3.23 6.48
C ASN A 197 4.61 -2.25 7.10
N SER A 198 4.88 -0.95 6.96
CA SER A 198 4.04 0.09 7.54
C SER A 198 3.26 0.89 6.51
N ASP A 199 3.35 0.46 5.24
CA ASP A 199 2.68 1.11 4.12
C ASP A 199 1.16 0.90 4.19
N PRO A 200 0.37 1.90 3.74
CA PRO A 200 -1.07 1.68 3.53
C PRO A 200 -1.30 0.91 2.23
N GLY A 201 -2.54 0.55 1.94
CA GLY A 201 -2.86 -0.16 0.69
C GLY A 201 -2.49 -1.63 0.69
N GLN A 202 -2.15 -2.16 1.87
CA GLN A 202 -1.83 -3.57 2.03
C GLN A 202 -3.08 -4.28 2.54
N TYR A 203 -3.74 -5.02 1.65
CA TYR A 203 -5.03 -5.64 1.95
C TYR A 203 -5.05 -7.14 1.64
N THR A 204 -5.98 -7.85 2.29
CA THR A 204 -6.11 -9.30 2.13
C THR A 204 -7.50 -9.72 1.67
N TRP A 205 -8.46 -8.79 1.73
CA TRP A 205 -9.80 -9.03 1.20
C TRP A 205 -10.32 -7.86 0.39
N TRP A 206 -10.98 -8.17 -0.71
CA TRP A 206 -11.63 -7.18 -1.53
C TRP A 206 -13.01 -7.67 -1.90
N SER A 207 -13.98 -6.76 -1.86
CA SER A 207 -15.34 -7.03 -2.31
C SER A 207 -15.34 -7.52 -3.77
N TYR A 208 -16.19 -8.49 -4.06
CA TYR A 208 -16.35 -8.95 -5.43
C TYR A 208 -17.05 -7.92 -6.33
N ARG A 209 -17.86 -7.05 -5.73
CA ARG A 209 -18.61 -6.07 -6.48
C ARG A 209 -17.79 -4.84 -6.83
N THR A 210 -18.04 -4.28 -8.02
CA THR A 210 -17.41 -3.05 -8.53
C THR A 210 -15.90 -3.10 -8.82
N ARG A 211 -15.38 -4.27 -9.20
CA ARG A 211 -13.96 -4.41 -9.58
C ARG A 211 -13.00 -3.93 -8.45
N ALA A 212 -13.41 -4.15 -7.20
CA ALA A 212 -12.75 -3.58 -6.03
C ALA A 212 -11.28 -4.02 -5.88
N ARG A 213 -11.02 -5.30 -6.13
CA ARG A 213 -9.66 -5.84 -6.01
C ARG A 213 -8.69 -5.15 -6.97
N GLU A 214 -9.12 -4.99 -8.21
CA GLU A 214 -8.32 -4.38 -9.24
C GLU A 214 -8.19 -2.86 -9.05
N ARG A 215 -9.18 -2.26 -8.40
CA ARG A 215 -9.07 -0.87 -7.91
C ARG A 215 -8.35 -0.80 -6.55
N ASN A 216 -7.98 -1.97 -6.03
CA ASN A 216 -7.33 -2.13 -4.72
C ASN A 216 -8.03 -1.41 -3.55
N VAL A 217 -9.36 -1.49 -3.55
CA VAL A 217 -10.18 -0.97 -2.48
C VAL A 217 -10.54 -2.16 -1.59
N GLY A 218 -9.69 -2.42 -0.62
CA GLY A 218 -9.83 -3.61 0.21
C GLY A 218 -9.58 -3.43 1.68
N TRP A 219 -9.53 -4.56 2.39
CA TRP A 219 -9.32 -4.59 3.83
C TRP A 219 -8.24 -5.61 4.20
N ARG A 220 -7.52 -5.34 5.29
CA ARG A 220 -6.68 -6.35 5.91
C ARG A 220 -7.46 -7.03 7.04
N LEU A 221 -7.93 -8.25 6.77
CA LEU A 221 -8.75 -9.02 7.69
C LEU A 221 -8.03 -10.29 8.16
N ASP A 222 -6.95 -10.64 7.46
CA ASP A 222 -6.17 -11.84 7.70
C ASP A 222 -4.82 -11.52 8.30
N TYR A 223 -4.59 -12.03 9.51
CA TYR A 223 -3.36 -11.69 10.24
C TYR A 223 -2.62 -12.94 10.67
N PHE A 224 -1.31 -12.80 10.79
CA PHE A 224 -0.48 -13.67 11.61
C PHE A 224 -0.08 -12.88 12.85
N PHE A 225 -0.46 -13.39 14.01
CA PHE A 225 0.00 -12.87 15.31
C PHE A 225 0.94 -13.85 16.01
N VAL A 226 1.92 -13.31 16.74
CA VAL A 226 2.74 -14.13 17.65
C VAL A 226 2.80 -13.50 19.05
N ASN A 227 3.02 -14.32 20.07
CA ASN A 227 3.33 -13.79 21.41
C ASN A 227 4.66 -13.04 21.38
N GLU A 228 4.80 -12.05 22.26
CA GLU A 228 5.98 -11.17 22.28
C GLU A 228 7.32 -11.91 22.37
N GLU A 229 7.40 -12.85 23.30
CA GLU A 229 8.61 -13.64 23.57
C GLU A 229 9.16 -14.33 22.34
N PHE A 230 8.29 -14.64 21.40
CA PHE A 230 8.60 -15.50 20.27
C PHE A 230 8.91 -14.70 19.02
N LYS A 231 8.70 -13.37 19.09
CA LYS A 231 8.71 -12.52 17.91
C LYS A 231 10.02 -12.50 17.14
N GLY A 232 11.12 -12.66 17.86
CA GLY A 232 12.45 -12.70 17.24
C GLY A 232 12.67 -13.88 16.33
N LYS A 233 11.73 -14.83 16.34
CA LYS A 233 11.84 -16.01 15.48
C LYS A 233 11.21 -15.81 14.12
N VAL A 234 10.37 -14.79 13.98
CA VAL A 234 9.77 -14.53 12.67
C VAL A 234 10.72 -13.74 11.75
N LYS A 235 11.06 -14.34 10.61
CA LYS A 235 11.90 -13.68 9.62
C LYS A 235 11.10 -12.80 8.68
N ARG A 236 9.90 -13.24 8.32
CA ARG A 236 9.02 -12.40 7.52
C ARG A 236 7.54 -12.72 7.60
N SER A 237 6.73 -11.73 7.26
CA SER A 237 5.29 -11.83 7.27
C SER A 237 4.77 -11.00 6.09
N TRP A 238 4.26 -11.66 5.06
CA TRP A 238 3.88 -10.99 3.82
C TRP A 238 2.48 -11.34 3.30
N ILE A 239 2.01 -10.58 2.32
CA ILE A 239 0.72 -10.81 1.68
C ILE A 239 0.92 -11.32 0.25
N LEU A 240 0.30 -12.44 -0.09
CA LEU A 240 0.38 -13.01 -1.44
C LEU A 240 -0.71 -12.43 -2.35
N SER A 241 -0.54 -11.15 -2.71
CA SER A 241 -1.56 -10.35 -3.43
C SER A 241 -1.99 -10.90 -4.79
N ASP A 242 -1.10 -11.61 -5.46
CA ASP A 242 -1.33 -12.03 -6.84
C ASP A 242 -2.03 -13.40 -6.96
N VAL A 243 -2.25 -14.05 -5.82
CA VAL A 243 -2.99 -15.31 -5.78
C VAL A 243 -4.48 -15.04 -5.76
N MET A 244 -5.18 -15.57 -6.76
CA MET A 244 -6.59 -15.31 -6.95
C MET A 244 -7.39 -16.57 -6.65
N GLY A 245 -8.71 -16.47 -6.74
CA GLY A 245 -9.60 -17.63 -6.62
C GLY A 245 -10.63 -17.46 -5.51
N SER A 246 -10.38 -16.49 -4.63
CA SER A 246 -11.25 -16.21 -3.51
C SER A 246 -11.29 -14.70 -3.33
N ASP A 247 -12.22 -14.22 -2.51
CA ASP A 247 -12.28 -12.79 -2.17
C ASP A 247 -11.21 -12.40 -1.17
N HIS A 248 -10.58 -13.40 -0.56
CA HIS A 248 -9.38 -13.22 0.26
C HIS A 248 -8.19 -13.73 -0.54
N CYS A 249 -7.02 -13.14 -0.30
CA CYS A 249 -5.76 -13.70 -0.79
C CYS A 249 -5.02 -14.31 0.39
N PRO A 250 -4.05 -15.20 0.14
CA PRO A 250 -3.30 -15.81 1.23
C PRO A 250 -2.34 -14.82 1.87
N ILE A 251 -1.88 -15.16 3.08
CA ILE A 251 -0.80 -14.45 3.78
C ILE A 251 0.26 -15.45 4.24
N GLY A 252 1.52 -15.03 4.24
CA GLY A 252 2.62 -15.89 4.61
C GLY A 252 3.31 -15.51 5.90
N LEU A 253 3.81 -16.52 6.59
CA LEU A 253 4.73 -16.33 7.70
C LEU A 253 5.92 -17.22 7.50
N GLU A 254 7.10 -16.71 7.80
CA GLU A 254 8.32 -17.51 7.84
C GLU A 254 8.96 -17.38 9.19
N ILE A 255 9.16 -18.51 9.87
CA ILE A 255 9.87 -18.49 11.15
C ILE A 255 11.17 -19.28 11.10
N GLU A 256 12.19 -18.78 11.80
CA GLU A 256 13.44 -19.51 11.87
C GLU A 256 13.55 -20.24 13.21
N LEU A 257 13.85 -21.53 13.15
CA LEU A 257 14.03 -22.35 14.35
C LEU A 257 15.32 -23.17 14.28
N LEU A 258 16.12 -23.09 15.35
CA LEU A 258 17.40 -23.81 15.41
C LEU A 258 17.36 -24.95 16.44
N ALA B 2 14.41 -4.82 -7.36
CA ALA B 2 13.24 -5.13 -6.49
C ALA B 2 12.05 -4.21 -6.76
N VAL B 3 11.25 -3.97 -5.72
CA VAL B 3 10.19 -2.99 -5.75
C VAL B 3 10.81 -1.70 -5.20
N LEU B 4 10.80 -0.64 -6.03
CA LEU B 4 11.34 0.66 -5.62
C LEU B 4 10.21 1.71 -5.54
N LYS B 5 10.09 2.33 -4.36
CA LYS B 5 9.04 3.34 -4.10
C LYS B 5 9.58 4.78 -4.22
N ILE B 6 8.98 5.53 -5.14
CA ILE B 6 9.29 6.96 -5.30
C ILE B 6 8.06 7.82 -4.98
N ILE B 7 8.28 8.87 -4.20
CA ILE B 7 7.20 9.81 -3.85
C ILE B 7 7.54 11.23 -4.36
N SER B 8 6.56 11.90 -4.97
CA SER B 8 6.70 13.29 -5.41
C SER B 8 5.72 14.21 -4.68
N TRP B 9 6.24 15.34 -4.18
CA TRP B 9 5.45 16.24 -3.35
C TRP B 9 5.89 17.71 -3.41
N ASN B 10 4.99 18.55 -3.91
CA ASN B 10 5.17 19.99 -3.79
C ASN B 10 4.79 20.40 -2.37
N VAL B 11 5.80 20.69 -1.56
CA VAL B 11 5.62 20.98 -0.14
C VAL B 11 5.26 22.45 0.16
N ASN B 12 5.16 23.27 -0.88
CA ASN B 12 4.80 24.68 -0.72
C ASN B 12 5.58 25.38 0.38
N GLY B 13 6.91 25.22 0.36
CA GLY B 13 7.79 25.74 1.40
C GLY B 13 8.14 24.63 2.37
N LEU B 14 9.43 24.29 2.46
CA LEU B 14 9.85 23.12 3.23
C LEU B 14 9.83 23.37 4.74
N ARG B 15 10.11 24.61 5.15
CA ARG B 15 9.99 24.99 6.56
C ARG B 15 8.55 24.90 7.03
N ALA B 16 7.63 25.35 6.20
CA ALA B 16 6.21 25.33 6.54
C ALA B 16 5.73 23.92 6.90
N VAL B 17 6.09 22.93 6.09
CA VAL B 17 5.70 21.53 6.36
C VAL B 17 6.55 20.85 7.43
N HIS B 18 7.78 21.33 7.61
CA HIS B 18 8.67 20.78 8.63
C HIS B 18 8.06 21.04 10.00
N ARG B 19 7.73 22.31 10.25
CA ARG B 19 6.96 22.71 11.43
C ARG B 19 5.70 21.85 11.62
N LYS B 20 5.08 21.45 10.51
CA LYS B 20 3.85 20.64 10.54
C LYS B 20 4.09 19.14 10.70
N GLY B 21 5.32 18.74 11.00
CA GLY B 21 5.65 17.32 11.19
C GLY B 21 5.91 16.53 9.92
N PHE B 22 6.55 17.17 8.93
CA PHE B 22 6.93 16.49 7.68
C PHE B 22 7.91 15.33 7.91
N LEU B 23 8.90 15.53 8.79
CA LEU B 23 9.90 14.48 9.12
C LEU B 23 9.25 13.20 9.65
N LYS B 24 8.14 13.36 10.36
CA LYS B 24 7.41 12.22 10.93
C LYS B 24 6.68 11.45 9.83
N TRP B 25 6.03 12.15 8.91
CA TRP B 25 5.41 11.51 7.76
C TRP B 25 6.47 10.78 6.91
N PHE B 26 7.63 11.41 6.78
CA PHE B 26 8.74 10.86 5.99
C PHE B 26 9.14 9.49 6.53
N MET B 27 9.38 9.41 7.83
CA MET B 27 9.79 8.15 8.48
C MET B 27 8.71 7.07 8.48
N GLU B 28 7.44 7.52 8.44
CA GLU B 28 6.29 6.64 8.27
C GLU B 28 6.20 6.04 6.87
N GLU B 29 6.43 6.87 5.86
CA GLU B 29 6.21 6.46 4.47
C GLU B 29 7.36 5.61 3.92
N LYS B 30 8.58 5.93 4.35
CA LYS B 30 9.79 5.22 3.90
C LYS B 30 9.87 5.02 2.39
N PRO B 31 9.93 6.12 1.62
CA PRO B 31 10.21 5.98 0.19
C PRO B 31 11.69 5.67 -0.03
N ASP B 32 12.01 5.03 -1.14
CA ASP B 32 13.41 4.77 -1.48
C ASP B 32 14.01 6.06 -1.98
N ILE B 33 13.21 6.79 -2.77
CA ILE B 33 13.55 8.13 -3.27
C ILE B 33 12.37 9.05 -3.01
N LEU B 34 12.66 10.21 -2.43
CA LEU B 34 11.65 11.26 -2.24
C LEU B 34 12.03 12.49 -3.08
N CYS B 35 11.08 12.95 -3.90
CA CYS B 35 11.25 14.14 -4.72
C CYS B 35 10.36 15.28 -4.22
N LEU B 36 10.98 16.42 -3.96
CA LEU B 36 10.29 17.57 -3.39
C LEU B 36 10.43 18.81 -4.26
N GLN B 37 9.30 19.47 -4.49
CA GLN B 37 9.26 20.74 -5.22
C GLN B 37 8.85 21.89 -4.29
N GLU B 38 9.34 23.10 -4.60
CA GLU B 38 9.12 24.33 -3.83
C GLU B 38 9.71 24.28 -2.40
N ILE B 39 11.04 24.25 -2.33
CA ILE B 39 11.75 24.27 -1.06
C ILE B 39 11.75 25.65 -0.40
N LYS B 40 11.91 26.68 -1.23
CA LYS B 40 11.96 28.08 -0.78
C LYS B 40 13.18 28.42 0.07
N ALA B 41 13.42 27.66 1.14
CA ALA B 41 14.51 28.00 2.07
C ALA B 41 15.90 27.91 1.45
N ALA B 42 16.86 28.58 2.08
CA ALA B 42 18.28 28.47 1.70
C ALA B 42 18.90 27.22 2.33
N PRO B 43 19.25 26.22 1.50
CA PRO B 43 19.75 24.90 1.91
C PRO B 43 20.71 24.95 3.09
N GLU B 44 21.78 25.74 2.96
CA GLU B 44 22.85 25.80 3.97
C GLU B 44 22.35 26.15 5.38
N GLN B 45 21.20 26.82 5.44
CA GLN B 45 20.63 27.23 6.72
C GLN B 45 19.29 26.57 7.04
N LEU B 46 19.08 25.38 6.47
CA LEU B 46 17.99 24.50 6.90
C LEU B 46 18.44 23.72 8.15
N PRO B 47 17.46 23.30 9.00
CA PRO B 47 17.79 22.42 10.13
C PRO B 47 18.68 21.24 9.70
N ARG B 48 19.67 20.91 10.54
CA ARG B 48 20.55 19.76 10.32
C ARG B 48 19.75 18.45 10.23
N LYS B 49 18.69 18.35 11.04
CA LYS B 49 17.80 17.20 11.03
C LYS B 49 17.12 17.03 9.67
N LEU B 50 16.89 18.18 9.03
CA LEU B 50 16.18 18.27 7.77
C LEU B 50 17.11 18.05 6.57
N ARG B 51 18.38 18.40 6.72
CA ARG B 51 19.37 18.18 5.66
C ARG B 51 19.90 16.75 5.66
N HIS B 52 20.18 16.22 6.85
CA HIS B 52 20.81 14.92 6.99
C HIS B 52 19.93 13.93 7.75
N VAL B 53 18.88 13.47 7.08
CA VAL B 53 18.01 12.42 7.60
C VAL B 53 18.71 11.08 7.40
N GLU B 54 18.77 10.27 8.45
CA GLU B 54 19.52 9.02 8.42
C GLU B 54 18.95 8.01 7.42
N GLY B 55 19.85 7.40 6.66
CA GLY B 55 19.45 6.43 5.63
C GLY B 55 19.34 7.04 4.24
N TYR B 56 19.45 8.38 4.15
CA TYR B 56 19.29 9.10 2.89
C TYR B 56 20.44 10.07 2.59
N ARG B 57 20.86 10.10 1.33
CA ARG B 57 21.63 11.24 0.80
C ARG B 57 20.62 12.29 0.34
N SER B 58 20.90 13.56 0.61
CA SER B 58 20.02 14.65 0.18
C SER B 58 20.66 15.59 -0.84
N PHE B 59 19.84 16.11 -1.74
CA PHE B 59 20.32 17.05 -2.76
C PHE B 59 19.35 18.19 -2.93
N PHE B 60 19.85 19.42 -2.74
CA PHE B 60 19.02 20.62 -2.88
C PHE B 60 19.48 21.45 -4.07
N THR B 61 18.50 21.85 -4.88
CA THR B 61 18.76 22.69 -6.04
C THR B 61 17.91 23.96 -5.88
N PRO B 62 18.48 24.96 -5.19
CA PRO B 62 17.77 26.20 -4.88
C PRO B 62 17.74 27.20 -6.04
N ALA B 63 16.73 28.07 -6.03
CA ALA B 63 16.67 29.17 -6.98
C ALA B 63 17.70 30.24 -6.64
N GLU B 64 18.12 31.02 -7.63
CA GLU B 64 18.89 32.23 -7.37
C GLU B 64 18.14 33.24 -6.49
N ARG B 65 16.82 33.33 -6.70
CA ARG B 65 15.96 34.19 -5.87
C ARG B 65 15.67 33.57 -4.51
N LYS B 66 15.89 34.35 -3.46
CA LYS B 66 15.61 33.93 -2.09
C LYS B 66 14.13 33.65 -1.85
N GLY B 67 13.86 32.63 -1.02
CA GLY B 67 12.49 32.24 -0.65
C GLY B 67 11.58 31.83 -1.81
N TYR B 68 12.18 31.51 -2.95
CA TYR B 68 11.44 31.20 -4.15
C TYR B 68 11.84 29.84 -4.73
N SER B 69 10.83 29.03 -5.08
CA SER B 69 11.02 27.82 -5.87
C SER B 69 12.02 26.90 -5.17
N GLY B 70 12.90 26.25 -5.95
CA GLY B 70 13.87 25.30 -5.40
C GLY B 70 13.30 23.89 -5.40
N VAL B 71 14.14 22.89 -5.62
CA VAL B 71 13.72 21.48 -5.51
C VAL B 71 14.72 20.67 -4.72
N ALA B 72 14.32 19.46 -4.34
CA ALA B 72 15.16 18.61 -3.50
C ALA B 72 14.86 17.14 -3.71
N MET B 73 15.88 16.32 -3.48
CA MET B 73 15.76 14.86 -3.57
C MET B 73 16.51 14.19 -2.43
N TYR B 74 15.76 13.34 -1.71
CA TYR B 74 16.33 12.41 -0.74
C TYR B 74 16.31 11.03 -1.36
N THR B 75 17.42 10.32 -1.24
CA THR B 75 17.53 8.99 -1.83
C THR B 75 18.33 8.03 -0.96
N LYS B 76 17.74 6.89 -0.62
CA LYS B 76 18.48 5.83 0.08
C LYS B 76 19.75 5.43 -0.67
N VAL B 77 19.65 5.31 -2.00
CA VAL B 77 20.81 5.00 -2.84
C VAL B 77 21.24 6.21 -3.68
N PRO B 78 22.50 6.62 -3.54
CA PRO B 78 22.99 7.77 -4.29
C PRO B 78 22.81 7.55 -5.80
N PRO B 79 22.68 8.64 -6.58
CA PRO B 79 22.73 8.45 -8.03
C PRO B 79 24.19 8.54 -8.51
N SER B 80 24.47 8.09 -9.72
CA SER B 80 25.85 8.16 -10.22
C SER B 80 26.17 9.53 -10.82
N SER B 81 25.12 10.24 -11.27
CA SER B 81 25.25 11.65 -11.65
C SER B 81 24.00 12.45 -11.28
N LEU B 82 24.21 13.75 -11.11
CA LEU B 82 23.13 14.72 -10.88
C LEU B 82 23.33 15.93 -11.79
N ARG B 83 22.29 16.23 -12.56
CA ARG B 83 22.30 17.37 -13.45
C ARG B 83 21.16 18.28 -13.02
N GLU B 84 21.45 19.58 -12.93
CA GLU B 84 20.53 20.56 -12.36
C GLU B 84 20.03 21.59 -13.35
N GLY B 85 19.85 21.19 -14.60
CA GLY B 85 19.41 22.14 -15.63
C GLY B 85 19.45 21.59 -17.04
N PHE B 86 18.75 22.26 -17.95
CA PHE B 86 18.67 21.83 -19.34
C PHE B 86 19.82 22.39 -20.15
N GLY B 87 20.68 23.15 -19.50
CA GLY B 87 21.74 23.87 -20.17
C GLY B 87 21.18 25.03 -20.97
N VAL B 88 20.24 25.76 -20.37
CA VAL B 88 19.70 26.99 -20.95
C VAL B 88 19.51 27.96 -19.77
N GLU B 89 20.33 29.01 -19.76
CA GLU B 89 20.44 29.95 -18.62
C GLU B 89 19.15 30.35 -17.86
N ARG B 90 18.20 30.96 -18.57
CA ARG B 90 17.00 31.46 -17.94
C ARG B 90 16.13 30.37 -17.32
N PHE B 91 16.31 29.13 -17.79
CA PHE B 91 15.56 28.00 -17.27
C PHE B 91 16.25 27.31 -16.09
N ASP B 92 17.53 27.59 -15.88
CA ASP B 92 18.35 26.80 -14.97
C ASP B 92 18.69 27.55 -13.68
N THR B 93 18.31 28.82 -13.61
CA THR B 93 18.63 29.66 -12.44
C THR B 93 17.48 29.73 -11.44
N GLU B 94 16.38 29.08 -11.79
CA GLU B 94 15.14 29.16 -11.00
C GLU B 94 14.89 28.01 -9.99
N GLY B 95 15.85 27.10 -9.86
CA GLY B 95 15.74 25.98 -8.92
C GLY B 95 14.64 25.00 -9.26
N ARG B 96 14.44 24.73 -10.55
CA ARG B 96 13.30 23.94 -11.01
C ARG B 96 13.63 22.51 -11.41
N ILE B 97 14.92 22.21 -11.53
CA ILE B 97 15.39 21.01 -12.28
C ILE B 97 16.40 20.15 -11.53
N GLN B 98 16.02 18.90 -11.33
CA GLN B 98 16.94 17.85 -10.92
C GLN B 98 16.78 16.64 -11.84
N ILE B 99 17.90 16.23 -12.45
CA ILE B 99 17.91 15.02 -13.25
C ILE B 99 18.93 14.07 -12.62
N ALA B 100 18.45 13.00 -11.98
CA ALA B 100 19.32 12.05 -11.28
C ALA B 100 19.40 10.72 -12.01
N ASP B 101 20.63 10.22 -12.18
CA ASP B 101 20.87 8.95 -12.86
C ASP B 101 20.99 7.82 -11.87
N PHE B 102 20.05 6.88 -11.93
CA PHE B 102 20.07 5.67 -11.11
C PHE B 102 20.29 4.42 -11.95
N ASP B 103 21.07 4.57 -13.02
CA ASP B 103 21.41 3.47 -13.95
C ASP B 103 20.24 2.87 -14.71
N ASP B 104 19.29 2.26 -14.01
CA ASP B 104 18.08 1.71 -14.67
C ASP B 104 17.23 2.79 -15.32
N PHE B 105 17.37 4.02 -14.81
CA PHE B 105 16.59 5.16 -15.29
C PHE B 105 17.16 6.49 -14.84
N LEU B 106 16.85 7.53 -15.60
CA LEU B 106 17.02 8.90 -15.11
C LEU B 106 15.72 9.30 -14.45
N LEU B 107 15.85 10.07 -13.38
CA LEU B 107 14.69 10.63 -12.71
C LEU B 107 14.71 12.16 -12.77
N TYR B 108 13.70 12.71 -13.46
CA TYR B 108 13.50 14.15 -13.55
C TYR B 108 12.56 14.60 -12.44
N ASN B 109 13.06 15.46 -11.58
CA ASN B 109 12.27 16.08 -10.51
C ASN B 109 12.11 17.55 -10.88
N ILE B 110 10.96 17.89 -11.46
CA ILE B 110 10.78 19.23 -12.05
C ILE B 110 9.63 20.00 -11.43
N TYR B 111 9.97 21.19 -10.96
CA TYR B 111 8.98 22.17 -10.57
C TYR B 111 8.71 23.08 -11.77
N PHE B 112 7.70 22.75 -12.55
CA PHE B 112 7.34 23.51 -13.74
C PHE B 112 6.82 24.90 -13.38
N PRO B 113 7.05 25.89 -14.25
CA PRO B 113 6.69 27.26 -13.89
C PRO B 113 5.17 27.45 -13.81
N ASN B 114 4.76 28.41 -13.00
CA ASN B 114 3.36 28.81 -12.90
C ASN B 114 3.11 29.98 -13.83
N GLY B 115 2.05 29.88 -14.63
CA GLY B 115 1.75 30.92 -15.62
C GLY B 115 0.69 31.96 -15.24
N LYS B 116 0.13 31.85 -14.04
CA LYS B 116 -0.97 32.74 -13.64
C LYS B 116 -0.62 34.23 -13.57
N MET B 117 0.52 34.58 -12.98
CA MET B 117 0.83 35.97 -12.58
C MET B 117 0.96 37.02 -13.68
N SER B 118 1.30 36.60 -14.90
CA SER B 118 1.44 37.53 -16.01
C SER B 118 1.52 36.82 -17.35
N GLU B 119 1.54 37.60 -18.42
CA GLU B 119 1.74 37.09 -19.77
C GLU B 119 3.19 36.69 -20.01
N GLU B 120 4.12 37.43 -19.41
CA GLU B 120 5.55 37.09 -19.46
C GLU B 120 5.83 35.68 -18.93
N ARG B 121 5.13 35.30 -17.86
CA ARG B 121 5.41 34.05 -17.18
C ARG B 121 4.70 32.87 -17.83
N LEU B 122 3.63 33.17 -18.58
CA LEU B 122 2.99 32.15 -19.37
C LEU B 122 3.89 31.73 -20.53
N LYS B 123 4.47 32.73 -21.20
CA LYS B 123 5.45 32.49 -22.26
C LYS B 123 6.62 31.67 -21.71
N TYR B 124 7.17 32.14 -20.58
CA TYR B 124 8.29 31.47 -19.90
C TYR B 124 8.00 30.01 -19.55
N LYS B 125 6.81 29.76 -19.02
CA LYS B 125 6.30 28.41 -18.75
C LYS B 125 6.21 27.53 -20.01
N LEU B 126 5.63 28.07 -21.08
CA LEU B 126 5.43 27.31 -22.32
C LEU B 126 6.75 26.95 -22.99
N GLU B 127 7.70 27.89 -22.96
CA GLU B 127 9.04 27.65 -23.51
C GLU B 127 9.89 26.74 -22.63
N PHE B 128 9.60 26.73 -21.32
CA PHE B 128 10.19 25.76 -20.39
C PHE B 128 9.66 24.37 -20.73
N TYR B 129 8.37 24.30 -21.07
CA TYR B 129 7.78 23.03 -21.53
C TYR B 129 8.58 22.46 -22.69
N ASP B 130 8.85 23.30 -23.70
CA ASP B 130 9.60 22.93 -24.89
C ASP B 130 11.04 22.51 -24.64
N ALA B 131 11.77 23.31 -23.84
CA ALA B 131 13.13 22.96 -23.47
C ALA B 131 13.19 21.63 -22.72
N PHE B 132 12.16 21.33 -21.92
CA PHE B 132 12.10 20.07 -21.19
C PHE B 132 11.84 18.90 -22.14
N LEU B 133 11.01 19.12 -23.16
CA LEU B 133 10.67 18.10 -24.12
C LEU B 133 11.90 17.74 -24.95
N GLU B 134 12.61 18.77 -25.42
CA GLU B 134 13.90 18.57 -26.05
C GLU B 134 14.80 17.69 -25.19
N ASP B 135 15.04 18.12 -23.97
CA ASP B 135 15.93 17.39 -23.07
C ASP B 135 15.53 15.90 -22.91
N VAL B 136 14.33 15.64 -22.39
CA VAL B 136 13.91 14.26 -22.13
C VAL B 136 13.91 13.40 -23.41
N ASN B 137 13.48 13.97 -24.54
CA ASN B 137 13.61 13.31 -25.84
C ASN B 137 15.05 12.88 -26.19
N ARG B 138 16.01 13.80 -26.03
CA ARG B 138 17.42 13.50 -26.28
C ARG B 138 17.93 12.36 -25.40
N GLU B 139 17.60 12.40 -24.12
CA GLU B 139 18.01 11.33 -23.18
C GLU B 139 17.33 10.00 -23.50
N ARG B 140 16.05 10.07 -23.86
CA ARG B 140 15.27 8.89 -24.23
C ARG B 140 15.79 8.23 -25.54
N ASP B 141 16.01 9.05 -26.57
CA ASP B 141 16.57 8.58 -27.84
C ASP B 141 17.95 7.95 -27.64
N SER B 142 18.73 8.48 -26.71
CA SER B 142 20.03 7.89 -26.41
C SER B 142 19.86 6.55 -25.65
N GLY B 143 18.62 6.09 -25.53
CA GLY B 143 18.33 4.77 -24.97
C GLY B 143 17.94 4.69 -23.50
N ARG B 144 17.99 5.81 -22.79
CA ARG B 144 17.75 5.79 -21.36
C ARG B 144 16.27 5.69 -21.07
N ASN B 145 15.95 4.93 -20.03
CA ASN B 145 14.63 4.92 -19.44
C ASN B 145 14.47 6.14 -18.51
N VAL B 146 13.31 6.79 -18.59
CA VAL B 146 13.10 8.06 -17.89
C VAL B 146 11.83 8.03 -17.07
N ILE B 147 11.96 8.54 -15.84
CA ILE B 147 10.82 8.80 -14.99
C ILE B 147 10.82 10.30 -14.75
N ILE B 148 9.68 10.92 -15.01
CA ILE B 148 9.53 12.35 -14.80
C ILE B 148 8.44 12.53 -13.77
N CYS B 149 8.77 13.26 -12.70
CA CYS B 149 7.74 13.56 -11.74
C CYS B 149 7.78 15.04 -11.35
N GLY B 150 6.65 15.52 -10.82
CA GLY B 150 6.61 16.83 -10.19
C GLY B 150 5.33 17.57 -10.49
N ASP B 151 5.39 18.88 -10.29
CA ASP B 151 4.25 19.79 -10.45
C ASP B 151 4.32 20.41 -11.83
N PHE B 152 3.42 19.96 -12.71
CA PHE B 152 3.35 20.46 -14.08
C PHE B 152 2.61 21.79 -14.20
N ASN B 153 1.95 22.21 -13.13
CA ASN B 153 1.11 23.42 -13.09
C ASN B 153 0.00 23.44 -14.13
N THR B 154 -0.42 22.26 -14.56
CA THR B 154 -1.48 22.13 -15.55
C THR B 154 -2.28 20.87 -15.27
N ALA B 155 -3.59 20.95 -15.47
CA ALA B 155 -4.46 19.78 -15.49
C ALA B 155 -4.67 19.44 -16.97
N HIS B 156 -4.42 18.17 -17.30
CA HIS B 156 -4.42 17.72 -18.69
C HIS B 156 -5.79 17.82 -19.36
N ARG B 157 -6.78 17.12 -18.79
CA ARG B 157 -8.12 17.03 -19.36
C ARG B 157 -9.17 17.50 -18.34
N GLU B 158 -10.43 17.60 -18.79
CA GLU B 158 -11.55 18.04 -17.92
C GLU B 158 -11.73 17.16 -16.69
N ILE B 159 -11.34 15.90 -16.84
CA ILE B 159 -11.40 14.90 -15.78
C ILE B 159 -10.45 15.25 -14.62
N ASP B 160 -9.46 16.10 -14.93
CA ASP B 160 -8.37 16.41 -13.98
C ASP B 160 -8.55 17.65 -13.11
N LEU B 161 -9.73 18.27 -13.18
CA LEU B 161 -10.10 19.36 -12.27
C LEU B 161 -11.62 19.42 -12.10
N ALA B 162 -12.06 19.81 -10.90
CA ALA B 162 -13.49 19.93 -10.60
C ALA B 162 -14.17 21.02 -11.44
N ARG B 163 -13.46 22.10 -11.72
CA ARG B 163 -14.06 23.27 -12.36
C ARG B 163 -13.49 23.58 -13.75
N PRO B 164 -13.82 22.77 -14.76
CA PRO B 164 -13.18 22.92 -16.07
C PRO B 164 -13.63 24.15 -16.88
N LYS B 165 -14.94 24.38 -16.97
CA LYS B 165 -15.49 25.51 -17.72
C LYS B 165 -15.06 26.85 -17.14
N GLU B 166 -15.06 26.95 -15.81
CA GLU B 166 -14.70 28.17 -15.08
C GLU B 166 -13.25 28.59 -15.32
N ASN B 167 -12.41 27.63 -15.70
CA ASN B 167 -10.97 27.83 -15.82
C ASN B 167 -10.40 27.70 -17.22
N SER B 168 -11.24 27.48 -18.24
CA SER B 168 -10.78 27.39 -19.63
C SER B 168 -10.05 28.64 -20.10
N ASN B 169 -10.15 29.70 -19.30
CA ASN B 169 -9.56 30.99 -19.58
C ASN B 169 -8.37 31.29 -18.66
N VAL B 170 -8.18 30.42 -17.66
CA VAL B 170 -7.12 30.55 -16.66
C VAL B 170 -5.93 29.63 -16.94
N SER B 171 -4.73 30.16 -16.74
CA SER B 171 -3.49 29.40 -16.85
C SER B 171 -3.51 28.20 -15.90
N GLY B 172 -3.15 27.03 -16.42
CA GLY B 172 -3.33 25.78 -15.69
C GLY B 172 -4.38 24.91 -16.35
N PHE B 173 -5.18 25.50 -17.24
CA PHE B 173 -6.14 24.75 -18.05
C PHE B 173 -6.43 25.41 -19.41
N LEU B 174 -5.51 26.26 -19.87
CA LEU B 174 -5.60 26.84 -21.20
C LEU B 174 -5.47 25.72 -22.24
N PRO B 175 -6.11 25.88 -23.42
CA PRO B 175 -5.93 24.88 -24.48
C PRO B 175 -4.48 24.77 -24.99
N VAL B 176 -3.73 25.86 -24.88
CA VAL B 176 -2.31 25.88 -25.26
C VAL B 176 -1.48 24.94 -24.38
N GLU B 177 -1.75 24.98 -23.07
CA GLU B 177 -1.03 24.17 -22.09
C GLU B 177 -1.46 22.72 -22.21
N ARG B 178 -2.74 22.50 -22.44
CA ARG B 178 -3.31 21.17 -22.57
C ARG B 178 -2.80 20.46 -23.82
N ALA B 179 -2.58 21.22 -24.90
CA ALA B 179 -2.05 20.64 -26.14
C ALA B 179 -0.61 20.15 -25.97
N TRP B 180 0.17 20.86 -25.16
CA TRP B 180 1.56 20.49 -24.94
C TRP B 180 1.66 19.16 -24.21
N ILE B 181 0.77 18.92 -23.26
CA ILE B 181 0.71 17.62 -22.61
C ILE B 181 0.31 16.54 -23.61
N ASP B 182 -0.61 16.88 -24.53
CA ASP B 182 -1.01 15.94 -25.60
C ASP B 182 0.20 15.58 -26.47
N LYS B 183 0.99 16.59 -26.79
CA LYS B 183 2.15 16.46 -27.65
C LYS B 183 3.27 15.72 -26.92
N PHE B 184 3.42 16.03 -25.63
CA PHE B 184 4.36 15.32 -24.76
C PHE B 184 4.07 13.81 -24.66
N ILE B 185 2.82 13.47 -24.39
CA ILE B 185 2.36 12.08 -24.39
C ILE B 185 2.58 11.46 -25.78
N GLU B 186 2.17 12.20 -26.82
CA GLU B 186 2.36 11.82 -28.21
C GLU B 186 3.82 11.48 -28.58
N ASN B 187 4.78 11.99 -27.80
CA ASN B 187 6.20 11.76 -28.05
C ASN B 187 6.71 10.46 -27.43
N GLY B 188 5.80 9.64 -26.92
CA GLY B 188 6.15 8.33 -26.38
C GLY B 188 6.27 8.31 -24.87
N TYR B 189 5.44 9.07 -24.19
CA TYR B 189 5.46 9.11 -22.73
C TYR B 189 4.07 8.88 -22.18
N VAL B 190 3.99 8.31 -20.98
CA VAL B 190 2.72 7.81 -20.46
C VAL B 190 2.44 8.34 -19.05
N ASP B 191 1.25 8.91 -18.89
CA ASP B 191 0.76 9.40 -17.62
C ASP B 191 0.42 8.21 -16.74
N THR B 192 1.33 7.87 -15.82
CA THR B 192 1.24 6.61 -15.07
C THR B 192 -0.07 6.44 -14.32
N PHE B 193 -0.51 7.49 -13.63
CA PHE B 193 -1.75 7.41 -12.86
C PHE B 193 -2.92 6.94 -13.70
N ARG B 194 -2.98 7.42 -14.94
CA ARG B 194 -4.05 7.06 -15.87
C ARG B 194 -3.93 5.66 -16.45
N MET B 195 -2.88 4.92 -16.07
CA MET B 195 -2.76 3.51 -16.44
C MET B 195 -3.59 2.65 -15.50
N PHE B 196 -3.87 3.18 -14.31
CA PHE B 196 -4.53 2.41 -13.25
C PHE B 196 -5.90 2.96 -12.85
N ASN B 197 -6.06 4.28 -12.90
CA ASN B 197 -7.27 4.93 -12.40
C ASN B 197 -7.86 5.89 -13.44
N SER B 198 -9.10 5.63 -13.84
CA SER B 198 -9.80 6.46 -14.84
C SER B 198 -10.94 7.28 -14.24
N ASP B 199 -11.08 7.20 -12.91
CA ASP B 199 -12.12 7.94 -12.18
C ASP B 199 -11.86 9.45 -12.18
N PRO B 200 -12.95 10.27 -12.20
CA PRO B 200 -12.81 11.69 -11.93
C PRO B 200 -12.69 11.94 -10.42
N GLY B 201 -12.42 13.18 -10.04
CA GLY B 201 -12.31 13.53 -8.62
C GLY B 201 -10.99 13.12 -7.99
N GLN B 202 -10.02 12.79 -8.84
CA GLN B 202 -8.66 12.42 -8.41
C GLN B 202 -7.76 13.63 -8.58
N TYR B 203 -7.44 14.28 -7.47
CA TYR B 203 -6.72 15.57 -7.49
C TYR B 203 -5.51 15.59 -6.56
N THR B 204 -4.56 16.47 -6.86
CA THR B 204 -3.32 16.61 -6.08
C THR B 204 -3.15 18.00 -5.49
N TRP B 205 -3.91 18.97 -5.99
CA TRP B 205 -3.89 20.33 -5.44
C TRP B 205 -5.28 20.88 -5.22
N TRP B 206 -5.44 21.56 -4.08
CA TRP B 206 -6.69 22.25 -3.78
C TRP B 206 -6.36 23.63 -3.24
N SER B 207 -7.17 24.61 -3.66
CA SER B 207 -7.08 25.97 -3.19
C SER B 207 -7.26 26.02 -1.66
N TYR B 208 -6.49 26.87 -1.00
CA TYR B 208 -6.63 27.05 0.46
C TYR B 208 -7.91 27.79 0.83
N ARG B 209 -8.44 28.55 -0.11
CA ARG B 209 -9.61 29.38 0.12
C ARG B 209 -10.91 28.59 -0.10
N THR B 210 -11.89 28.84 0.76
CA THR B 210 -13.26 28.25 0.69
C THR B 210 -13.36 26.73 0.97
N ARG B 211 -12.51 26.22 1.87
CA ARG B 211 -12.49 24.80 2.27
C ARG B 211 -12.48 23.83 1.09
N ALA B 212 -11.73 24.20 0.04
CA ALA B 212 -11.82 23.52 -1.27
C ALA B 212 -11.40 22.06 -1.21
N ARG B 213 -10.37 21.77 -0.43
CA ARG B 213 -9.87 20.40 -0.26
C ARG B 213 -10.94 19.48 0.30
N GLU B 214 -11.60 19.95 1.35
CA GLU B 214 -12.59 19.13 2.05
C GLU B 214 -13.90 19.06 1.28
N ARG B 215 -14.12 20.01 0.37
CA ARG B 215 -15.17 19.91 -0.64
C ARG B 215 -14.68 19.19 -1.90
N ASN B 216 -13.41 18.78 -1.87
CA ASN B 216 -12.73 18.10 -2.98
C ASN B 216 -12.88 18.79 -4.34
N VAL B 217 -12.75 20.11 -4.32
CA VAL B 217 -12.74 20.92 -5.54
C VAL B 217 -11.26 21.23 -5.82
N GLY B 218 -10.63 20.36 -6.61
CA GLY B 218 -9.20 20.44 -6.81
C GLY B 218 -8.73 20.20 -8.22
N TRP B 219 -7.41 20.07 -8.37
CA TRP B 219 -6.78 19.85 -9.67
C TRP B 219 -5.73 18.74 -9.57
N ARG B 220 -5.57 17.97 -10.64
CA ARG B 220 -4.39 17.13 -10.78
C ARG B 220 -3.30 17.92 -11.51
N LEU B 221 -2.27 18.31 -10.75
CA LEU B 221 -1.17 19.10 -11.28
C LEU B 221 0.15 18.36 -11.16
N ASP B 222 0.16 17.32 -10.32
CA ASP B 222 1.33 16.51 -10.04
C ASP B 222 1.23 15.14 -10.71
N TYR B 223 2.19 14.84 -11.59
CA TYR B 223 2.17 13.60 -12.36
C TYR B 223 3.48 12.81 -12.20
N PHE B 224 3.36 11.49 -12.38
CA PHE B 224 4.50 10.63 -12.71
C PHE B 224 4.33 10.19 -14.16
N PHE B 225 5.30 10.55 -15.01
CA PHE B 225 5.35 10.08 -16.40
C PHE B 225 6.52 9.14 -16.58
N VAL B 226 6.35 8.16 -17.47
CA VAL B 226 7.45 7.32 -17.95
C VAL B 226 7.43 7.25 -19.48
N ASN B 227 8.59 6.96 -20.08
CA ASN B 227 8.64 6.64 -21.51
C ASN B 227 7.95 5.31 -21.77
N GLU B 228 7.40 5.16 -22.97
CA GLU B 228 6.60 3.99 -23.35
C GLU B 228 7.29 2.66 -23.07
N GLU B 229 8.54 2.53 -23.52
CA GLU B 229 9.33 1.28 -23.42
C GLU B 229 9.41 0.75 -22.00
N PHE B 230 9.32 1.66 -21.04
CA PHE B 230 9.60 1.37 -19.65
C PHE B 230 8.32 1.11 -18.86
N LYS B 231 7.18 1.38 -19.48
CA LYS B 231 5.90 1.38 -18.76
C LYS B 231 5.51 0.06 -18.07
N GLY B 232 5.93 -1.06 -18.66
CA GLY B 232 5.69 -2.38 -18.05
C GLY B 232 6.35 -2.58 -16.70
N LYS B 233 7.27 -1.69 -16.35
CA LYS B 233 7.96 -1.79 -15.07
C LYS B 233 7.24 -1.11 -13.91
N VAL B 234 6.28 -0.25 -14.22
CA VAL B 234 5.51 0.40 -13.14
C VAL B 234 4.42 -0.54 -12.62
N LYS B 235 4.50 -0.88 -11.34
CA LYS B 235 3.44 -1.66 -10.70
C LYS B 235 2.23 -0.80 -10.30
N ARG B 236 2.48 0.40 -9.75
CA ARG B 236 1.37 1.29 -9.41
C ARG B 236 1.75 2.77 -9.34
N SER B 237 0.74 3.61 -9.54
CA SER B 237 0.86 5.07 -9.50
C SER B 237 -0.37 5.61 -8.80
N TRP B 238 -0.20 6.12 -7.59
CA TRP B 238 -1.33 6.55 -6.75
C TRP B 238 -1.16 7.96 -6.15
N ILE B 239 -2.27 8.51 -5.64
CA ILE B 239 -2.30 9.79 -4.95
C ILE B 239 -2.50 9.60 -3.44
N LEU B 240 -1.61 10.20 -2.65
CA LEU B 240 -1.67 10.10 -1.20
C LEU B 240 -2.55 11.22 -0.62
N SER B 241 -3.85 11.13 -0.90
CA SER B 241 -4.85 12.16 -0.56
C SER B 241 -4.91 12.64 0.89
N ASP B 242 -4.59 11.76 1.82
CA ASP B 242 -4.80 12.03 3.24
C ASP B 242 -3.60 12.70 3.91
N VAL B 243 -2.54 12.90 3.13
CA VAL B 243 -1.36 13.62 3.61
C VAL B 243 -1.57 15.11 3.44
N MET B 244 -1.42 15.83 4.55
CA MET B 244 -1.71 17.25 4.66
C MET B 244 -0.41 18.01 4.95
N GLY B 245 -0.51 19.34 4.99
CA GLY B 245 0.67 20.16 5.30
C GLY B 245 0.99 21.16 4.20
N SER B 246 0.46 20.89 3.01
CA SER B 246 0.63 21.75 1.84
C SER B 246 -0.69 21.83 1.06
N ASP B 247 -0.73 22.73 0.09
CA ASP B 247 -1.87 22.81 -0.84
C ASP B 247 -1.84 21.70 -1.89
N HIS B 248 -0.68 21.05 -2.01
CA HIS B 248 -0.50 19.84 -2.83
C HIS B 248 -0.39 18.66 -1.86
N CYS B 249 -0.87 17.50 -2.29
CA CYS B 249 -0.61 16.26 -1.58
C CYS B 249 0.44 15.49 -2.37
N PRO B 250 1.11 14.50 -1.73
CA PRO B 250 2.08 13.69 -2.46
C PRO B 250 1.44 12.75 -3.47
N ILE B 251 2.24 12.27 -4.41
CA ILE B 251 1.86 11.16 -5.31
C ILE B 251 2.93 10.07 -5.26
N GLY B 252 2.51 8.83 -5.47
CA GLY B 252 3.42 7.70 -5.39
C GLY B 252 3.63 6.97 -6.70
N LEU B 253 4.85 6.47 -6.89
CA LEU B 253 5.13 5.52 -7.94
C LEU B 253 5.83 4.31 -7.34
N GLU B 254 5.44 3.13 -7.83
CA GLU B 254 6.17 1.89 -7.54
C GLU B 254 6.60 1.24 -8.84
N ILE B 255 7.90 0.96 -8.96
CA ILE B 255 8.42 0.21 -10.11
C ILE B 255 9.11 -1.10 -9.71
N GLU B 256 9.02 -2.11 -10.57
CA GLU B 256 9.76 -3.36 -10.41
C GLU B 256 10.88 -3.43 -11.49
N LEU B 257 12.13 -3.54 -11.05
CA LEU B 257 13.27 -3.48 -11.98
C LEU B 257 13.67 -4.84 -12.56
P UPS C 5 -21.26 28.98 -3.93
S1P UPS C 5 -20.99 27.61 -4.42
OP2 UPS C 5 -20.60 29.41 -2.67
O5' UPS C 5 -20.84 30.03 -5.06
C5' UPS C 5 -19.90 29.70 -6.07
C4' UPS C 5 -18.42 29.88 -5.69
O4' UPS C 5 -18.08 31.25 -5.37
C1' UPS C 5 -16.74 31.14 -4.95
N1 UPS C 5 -16.07 32.44 -4.53
C2 UPS C 5 -15.35 33.17 -5.48
O2 UPS C 5 -15.23 32.86 -6.65
N3 UPS C 5 -14.75 34.31 -5.00
C4 UPS C 5 -14.79 34.81 -3.70
O4 UPS C 5 -14.22 35.85 -3.42
C5 UPS C 5 -15.55 34.00 -2.77
C6 UPS C 5 -16.14 32.87 -3.22
C2' UPS C 5 -16.76 29.98 -3.93
C3' UPS C 5 -17.87 29.07 -4.49
O3' UPS C 5 -17.47 27.70 -4.85
MG MG D . -16.28 -16.18 2.35
C1 GOL E . -4.48 -20.79 -9.84
O1 GOL E . -3.44 -21.75 -9.76
C2 GOL E . -4.23 -19.71 -8.78
O2 GOL E . -2.88 -19.78 -8.38
C3 GOL E . -5.18 -19.84 -7.59
O3 GOL E . -6.12 -20.89 -7.76
C1 GOL F . 2.48 -17.79 -5.01
O1 GOL F . 2.74 -18.71 -6.05
C2 GOL F . 2.12 -16.38 -5.55
O2 GOL F . 2.46 -15.39 -4.61
C3 GOL F . 2.75 -16.04 -6.89
O3 GOL F . 3.68 -15.00 -6.71
C1 GOL G . 3.80 -11.70 -10.77
O1 GOL G . 5.18 -12.00 -10.91
C2 GOL G . 3.01 -12.84 -11.41
O2 GOL G . 2.05 -13.37 -10.51
C3 GOL G . 2.28 -12.31 -12.62
O3 GOL G . 1.27 -13.24 -12.99
MG MG H . 3.02 26.38 -4.06
C1 GOL I . 22.55 20.01 -26.32
O1 GOL I . 23.80 19.89 -26.95
C2 GOL I . 22.63 21.14 -25.30
O2 GOL I . 23.12 20.64 -24.08
C3 GOL I . 21.27 21.75 -25.09
O3 GOL I . 21.43 23.15 -25.04
#